data_4C38
#
_entry.id   4C38
#
_cell.length_a   72.140
_cell.length_b   75.090
_cell.length_c   80.190
_cell.angle_alpha   90.00
_cell.angle_beta   90.00
_cell.angle_gamma   90.00
#
_symmetry.space_group_name_H-M   'P 21 21 21'
#
loop_
_entity.id
_entity.type
_entity.pdbx_description
1 polymer 'CAMP-DEPENDENT PROTEIN KINASE CATALYTIC SUBUNIT ALPHA'
2 polymer 'CAMP-DEPENDENT PROTEIN KINASE INHIBITOR PEPTIDE'
3 non-polymer 4-(1-ethyl-6-methyl-imidazo[4,5-c]pyridin-2-yl)-1,2,5-oxadiazol-3-amine
4 non-polymer METHANOL
5 water water
#
loop_
_entity_poly.entity_id
_entity_poly.type
_entity_poly.pdbx_seq_one_letter_code
_entity_poly.pdbx_strand_id
1 'polypeptide(L)'
;MGNAAAAKKGSEQESVKEFLAKAKEDFLKKWENPAQNTAHLDQFERIKTLGTGSYGRVMLVKHMETGNHYAMKILDKQKV
VKLKQIEHTLNEKRILQAVNFPFLVKLEFSFKDNSNLYMVLEYLPGGEMFSHLRRIGRF(SEP)EPHARFYAAQIVLTFE
YLHSLDLIYRDLKPENLMIDQQGYIKVTDFGFAKRVKGRTW(TPO)LCGTPEYLAPEIILSKGYNKAVDWWALGVLIYEM
AAGYPPFFADQPIQIYEKIVSGKVRFPSHFSSDLKDLLRNLLQVDLTKRFGNLKNGVNDIKNHKWFATTDWIAIYQRKVE
APFIPKFKGPGDTSNFDDYEEEEIRV(SEP)INEKCGKEFSEF
;
A
2 'polypeptide(L)' TTYADFIASGRTGRRNAIHD I
#
loop_
_chem_comp.id
_chem_comp.type
_chem_comp.name
_chem_comp.formula
MOH non-polymer METHANOL 'C H4 O'
VUP non-polymer 4-(1-ethyl-6-methyl-imidazo[4,5-c]pyridin-2-yl)-1,2,5-oxadiazol-3-amine 'C11 H12 N6 O'
#
# COMPACT_ATOMS: atom_id res chain seq x y z
N SER A 15 16.56 -5.90 20.90
CA SER A 15 15.14 -6.23 21.02
C SER A 15 14.29 -5.42 20.04
N VAL A 16 12.99 -5.74 19.96
CA VAL A 16 12.03 -5.04 19.10
C VAL A 16 11.91 -3.57 19.55
N LYS A 17 11.83 -3.32 20.88
CA LYS A 17 11.73 -1.97 21.46
C LYS A 17 12.92 -1.12 21.06
N GLU A 18 14.14 -1.69 21.20
CA GLU A 18 15.40 -1.02 20.87
C GLU A 18 15.50 -0.68 19.37
N PHE A 19 15.20 -1.65 18.48
CA PHE A 19 15.17 -1.45 17.02
C PHE A 19 14.22 -0.30 16.64
N LEU A 20 13.00 -0.32 17.20
CA LEU A 20 12.00 0.71 16.90
C LEU A 20 12.41 2.07 17.45
N ALA A 21 13.11 2.11 18.61
CA ALA A 21 13.56 3.38 19.16
C ALA A 21 14.57 4.06 18.21
N LYS A 22 15.55 3.29 17.66
CA LYS A 22 16.54 3.82 16.70
C LYS A 22 15.83 4.25 15.39
N ALA A 23 14.86 3.43 14.94
CA ALA A 23 14.09 3.73 13.73
C ALA A 23 13.35 5.06 13.91
N LYS A 24 12.81 5.33 15.13
CA LYS A 24 12.08 6.59 15.41
C LYS A 24 13.03 7.77 15.39
N GLU A 25 14.22 7.64 15.99
CA GLU A 25 15.22 8.71 16.00
C GLU A 25 15.58 9.10 14.53
N ASP A 26 15.82 8.10 13.67
CA ASP A 26 16.13 8.32 12.25
C ASP A 26 14.97 9.01 11.52
N PHE A 27 13.75 8.49 11.72
CA PHE A 27 12.55 9.04 11.09
C PHE A 27 12.33 10.50 11.51
N LEU A 28 12.35 10.80 12.83
CA LEU A 28 12.08 12.17 13.28
C LEU A 28 13.00 13.24 12.73
N LYS A 29 14.31 12.90 12.52
CA LYS A 29 15.27 13.86 11.96
C LYS A 29 14.80 14.28 10.54
N LYS A 30 14.38 13.30 9.73
CA LYS A 30 13.90 13.59 8.37
C LYS A 30 12.49 14.21 8.36
N TRP A 31 11.60 13.75 9.27
CA TRP A 31 10.24 14.27 9.39
C TRP A 31 10.27 15.77 9.72
N GLU A 32 11.21 16.19 10.59
CA GLU A 32 11.31 17.59 11.02
C GLU A 32 12.03 18.49 10.02
N ASN A 33 12.88 17.89 9.17
N ASN A 33 12.88 17.91 9.16
CA ASN A 33 13.65 18.66 8.19
CA ASN A 33 13.63 18.71 8.17
C ASN A 33 13.58 17.93 6.83
C ASN A 33 13.59 17.97 6.82
N PRO A 34 12.41 17.98 6.15
CA PRO A 34 12.26 17.21 4.90
C PRO A 34 13.13 17.62 3.72
N ALA A 35 13.60 16.63 2.98
CA ALA A 35 14.34 16.84 1.76
C ALA A 35 13.35 17.44 0.74
N GLN A 36 13.84 18.39 -0.06
CA GLN A 36 13.01 19.10 -1.03
C GLN A 36 13.83 19.40 -2.27
N ASN A 37 13.19 19.32 -3.47
CA ASN A 37 13.80 19.74 -4.74
C ASN A 37 15.13 19.03 -5.01
N THR A 38 15.10 17.68 -5.04
CA THR A 38 16.32 16.86 -5.18
C THR A 38 16.66 16.38 -6.59
N ALA A 39 15.82 16.76 -7.57
CA ALA A 39 16.04 16.43 -8.98
C ALA A 39 15.19 17.35 -9.84
N HIS A 40 15.23 17.16 -11.16
CA HIS A 40 14.49 17.97 -12.12
C HIS A 40 14.00 17.07 -13.22
N LEU A 41 12.88 17.41 -13.84
CA LEU A 41 12.25 16.59 -14.88
C LEU A 41 13.20 16.29 -16.05
N ASP A 42 14.06 17.27 -16.42
N ASP A 42 14.04 17.28 -16.45
CA ASP A 42 15.01 17.17 -17.53
CA ASP A 42 14.98 17.12 -17.57
C ASP A 42 16.13 16.14 -17.28
C ASP A 42 16.06 16.05 -17.32
N GLN A 43 16.20 15.56 -16.06
CA GLN A 43 17.20 14.55 -15.71
C GLN A 43 16.72 13.14 -16.01
N PHE A 44 15.47 13.02 -16.47
CA PHE A 44 14.82 11.74 -16.73
C PHE A 44 14.28 11.61 -18.14
N GLU A 45 14.37 10.39 -18.70
CA GLU A 45 13.86 10.05 -20.02
C GLU A 45 12.55 9.30 -19.76
N ARG A 46 11.46 9.77 -20.39
CA ARG A 46 10.13 9.17 -20.26
C ARG A 46 10.07 7.89 -21.09
N ILE A 47 9.66 6.76 -20.45
CA ILE A 47 9.58 5.48 -21.15
C ILE A 47 8.15 5.04 -21.44
N LYS A 48 7.32 4.87 -20.40
CA LYS A 48 5.99 4.31 -20.59
C LYS A 48 5.16 4.56 -19.35
N THR A 49 3.83 4.65 -19.49
CA THR A 49 2.94 4.79 -18.34
C THR A 49 2.75 3.42 -17.67
N LEU A 50 3.03 3.34 -16.36
CA LEU A 50 2.85 2.09 -15.59
C LEU A 50 1.48 1.98 -14.94
N GLY A 51 0.85 3.11 -14.66
CA GLY A 51 -0.45 3.11 -14.00
C GLY A 51 -1.05 4.49 -13.95
N THR A 52 -2.35 4.56 -13.71
CA THR A 52 -3.07 5.84 -13.63
C THR A 52 -4.17 5.72 -12.57
N GLY A 53 -4.65 6.87 -12.13
CA GLY A 53 -5.74 6.93 -11.17
C GLY A 53 -6.10 8.36 -10.90
N SER A 54 -6.99 8.60 -9.90
CA SER A 54 -7.34 10.00 -9.62
C SER A 54 -6.14 10.80 -9.15
N TYR A 55 -5.12 10.10 -8.60
CA TYR A 55 -3.92 10.77 -8.11
C TYR A 55 -3.08 11.36 -9.25
N GLY A 56 -3.25 10.84 -10.48
CA GLY A 56 -2.43 11.21 -11.62
C GLY A 56 -1.90 9.96 -12.30
N ARG A 57 -0.58 9.88 -12.53
CA ARG A 57 -0.05 8.68 -13.20
C ARG A 57 1.32 8.33 -12.67
N VAL A 58 1.75 7.10 -12.92
CA VAL A 58 3.10 6.64 -12.58
C VAL A 58 3.75 6.25 -13.90
N MET A 59 4.92 6.84 -14.19
CA MET A 59 5.61 6.62 -15.44
C MET A 59 6.91 5.92 -15.22
N LEU A 60 7.25 4.94 -16.07
CA LEU A 60 8.57 4.35 -16.02
C LEU A 60 9.50 5.39 -16.67
N VAL A 61 10.60 5.72 -16.00
CA VAL A 61 11.58 6.69 -16.50
C VAL A 61 12.98 6.11 -16.34
N LYS A 62 13.95 6.66 -17.08
CA LYS A 62 15.35 6.28 -16.94
C LYS A 62 16.10 7.56 -16.54
N HIS A 63 16.88 7.50 -15.45
CA HIS A 63 17.69 8.61 -14.95
C HIS A 63 18.99 8.58 -15.78
N MET A 64 19.21 9.56 -16.69
CA MET A 64 20.35 9.50 -17.59
C MET A 64 21.70 9.43 -16.90
N GLU A 65 21.86 10.16 -15.79
CA GLU A 65 23.20 10.20 -15.14
C GLU A 65 23.66 8.86 -14.55
N THR A 66 22.72 7.97 -14.24
CA THR A 66 23.02 6.65 -13.68
C THR A 66 22.63 5.48 -14.56
N GLY A 67 21.66 5.67 -15.47
CA GLY A 67 21.08 4.58 -16.24
C GLY A 67 20.08 3.79 -15.42
N ASN A 68 19.74 4.26 -14.19
CA ASN A 68 18.76 3.55 -13.36
C ASN A 68 17.35 3.82 -13.87
N HIS A 69 16.48 2.82 -13.72
CA HIS A 69 15.08 3.02 -14.06
C HIS A 69 14.35 3.33 -12.75
N TYR A 70 13.32 4.19 -12.81
CA TYR A 70 12.50 4.53 -11.65
C TYR A 70 11.04 4.62 -12.06
N ALA A 71 10.15 4.62 -11.06
CA ALA A 71 8.71 4.79 -11.26
C ALA A 71 8.42 6.21 -10.80
N MET A 72 8.16 7.12 -11.73
N MET A 72 8.15 7.13 -11.74
CA MET A 72 7.91 8.51 -11.37
CA MET A 72 7.89 8.55 -11.44
C MET A 72 6.41 8.78 -11.26
C MET A 72 6.40 8.81 -11.28
N LYS A 73 5.96 9.07 -10.02
CA LYS A 73 4.55 9.40 -9.74
C LYS A 73 4.38 10.90 -10.01
N ILE A 74 3.47 11.24 -10.95
CA ILE A 74 3.24 12.61 -11.40
C ILE A 74 1.82 13.04 -11.03
N LEU A 75 1.71 14.10 -10.23
CA LEU A 75 0.39 14.64 -9.82
C LEU A 75 0.22 16.00 -10.39
N ASP A 76 -0.98 16.31 -10.86
CA ASP A 76 -1.28 17.64 -11.42
C ASP A 76 -1.78 18.48 -10.24
N LYS A 77 -1.04 19.56 -9.90
CA LYS A 77 -1.43 20.39 -8.74
C LYS A 77 -2.88 20.83 -8.76
N GLN A 78 -3.36 21.33 -9.92
CA GLN A 78 -4.76 21.79 -9.99
C GLN A 78 -5.76 20.66 -9.72
N LYS A 79 -5.45 19.43 -10.17
CA LYS A 79 -6.35 18.30 -9.98
C LYS A 79 -6.34 17.87 -8.53
N VAL A 80 -5.15 17.86 -7.90
CA VAL A 80 -5.04 17.56 -6.46
C VAL A 80 -5.93 18.54 -5.65
N VAL A 81 -5.87 19.85 -5.99
CA VAL A 81 -6.66 20.86 -5.29
C VAL A 81 -8.18 20.56 -5.44
N LYS A 82 -8.63 20.27 -6.68
CA LYS A 82 -10.05 19.99 -6.93
C LYS A 82 -10.54 18.77 -6.15
N LEU A 83 -9.66 17.78 -5.97
CA LEU A 83 -9.99 16.55 -5.25
C LEU A 83 -9.82 16.68 -3.72
N LYS A 84 -9.43 17.88 -3.26
CA LYS A 84 -9.25 18.16 -1.82
C LYS A 84 -8.15 17.22 -1.22
N GLN A 85 -7.10 16.99 -2.04
CA GLN A 85 -6.04 16.09 -1.59
C GLN A 85 -4.71 16.85 -1.30
N ILE A 86 -4.79 18.16 -1.00
CA ILE A 86 -3.54 18.89 -0.75
C ILE A 86 -2.83 18.32 0.47
N GLU A 87 -3.51 18.32 1.64
CA GLU A 87 -2.88 17.82 2.85
C GLU A 87 -2.42 16.36 2.69
N HIS A 88 -3.28 15.54 2.04
CA HIS A 88 -2.90 14.13 1.85
C HIS A 88 -1.63 13.97 0.99
N THR A 89 -1.48 14.82 -0.03
CA THR A 89 -0.32 14.72 -0.92
C THR A 89 0.94 15.20 -0.19
N LEU A 90 0.80 16.28 0.62
CA LEU A 90 1.92 16.75 1.44
C LEU A 90 2.30 15.64 2.44
N ASN A 91 1.30 14.95 3.03
CA ASN A 91 1.60 13.83 3.94
C ASN A 91 2.39 12.77 3.19
N GLU A 92 1.93 12.37 2.00
CA GLU A 92 2.56 11.28 1.26
C GLU A 92 4.06 11.54 1.05
N LYS A 93 4.39 12.73 0.54
CA LYS A 93 5.79 13.07 0.27
C LYS A 93 6.60 13.23 1.57
N ARG A 94 6.02 13.90 2.58
CA ARG A 94 6.76 14.12 3.83
C ARG A 94 7.07 12.79 4.52
N ILE A 95 6.10 11.87 4.52
CA ILE A 95 6.29 10.56 5.14
C ILE A 95 7.27 9.73 4.32
N LEU A 96 7.04 9.61 2.99
CA LEU A 96 7.94 8.80 2.18
C LEU A 96 9.39 9.22 2.29
N GLN A 97 9.69 10.52 2.27
CA GLN A 97 11.11 10.92 2.32
C GLN A 97 11.75 10.60 3.71
N ALA A 98 10.90 10.34 4.72
CA ALA A 98 11.38 10.09 6.08
C ALA A 98 11.52 8.62 6.51
N VAL A 99 10.77 7.73 5.88
CA VAL A 99 10.76 6.33 6.26
C VAL A 99 11.90 5.52 5.71
N ASN A 100 12.16 4.35 6.31
CA ASN A 100 13.23 3.46 5.84
C ASN A 100 12.93 2.09 6.41
N PHE A 101 12.44 1.20 5.56
CA PHE A 101 12.14 -0.15 6.00
C PHE A 101 12.22 -1.09 4.78
N PRO A 102 12.67 -2.36 4.95
CA PRO A 102 12.87 -3.22 3.78
C PRO A 102 11.66 -3.40 2.89
N PHE A 103 10.45 -3.37 3.49
CA PHE A 103 9.22 -3.63 2.74
C PHE A 103 8.46 -2.40 2.31
N LEU A 104 9.14 -1.25 2.30
CA LEU A 104 8.53 -0.03 1.81
C LEU A 104 9.28 0.42 0.58
N VAL A 105 8.54 0.82 -0.47
N VAL A 105 8.56 0.83 -0.47
CA VAL A 105 9.15 1.36 -1.70
CA VAL A 105 9.23 1.35 -1.66
C VAL A 105 9.87 2.63 -1.30
C VAL A 105 10.01 2.60 -1.27
N LYS A 106 11.12 2.81 -1.79
N LYS A 106 11.15 2.82 -1.91
CA LYS A 106 11.97 3.96 -1.51
CA LYS A 106 11.93 3.99 -1.58
C LYS A 106 11.68 5.16 -2.42
C LYS A 106 11.54 5.18 -2.43
N LEU A 107 11.51 6.37 -1.82
CA LEU A 107 11.35 7.62 -2.54
C LEU A 107 12.81 8.07 -2.80
N GLU A 108 13.21 8.06 -4.07
CA GLU A 108 14.60 8.39 -4.44
C GLU A 108 14.81 9.90 -4.61
N PHE A 109 13.83 10.59 -5.24
CA PHE A 109 13.86 12.02 -5.47
C PHE A 109 12.47 12.60 -5.43
N SER A 110 12.38 13.92 -5.19
CA SER A 110 11.11 14.61 -5.36
C SER A 110 11.38 16.03 -5.79
N PHE A 111 10.40 16.61 -6.51
CA PHE A 111 10.50 17.99 -7.00
C PHE A 111 9.16 18.37 -7.58
N LYS A 112 9.03 19.64 -7.98
CA LYS A 112 7.79 20.17 -8.56
C LYS A 112 8.14 21.17 -9.61
N ASP A 113 7.18 21.46 -10.50
CA ASP A 113 7.41 22.52 -11.46
C ASP A 113 6.14 23.39 -11.48
N ASN A 114 5.96 24.21 -12.51
CA ASN A 114 4.78 25.07 -12.55
C ASN A 114 3.45 24.33 -12.42
N SER A 115 3.37 23.12 -13.00
CA SER A 115 2.11 22.40 -13.08
C SER A 115 1.96 21.18 -12.19
N ASN A 116 3.05 20.43 -12.03
CA ASN A 116 3.02 19.11 -11.42
C ASN A 116 3.90 18.92 -10.18
N LEU A 117 3.63 17.81 -9.47
CA LEU A 117 4.42 17.35 -8.34
C LEU A 117 4.98 16.01 -8.80
N TYR A 118 6.25 15.73 -8.47
CA TYR A 118 6.90 14.49 -8.87
C TYR A 118 7.51 13.78 -7.70
N MET A 119 7.24 12.47 -7.58
CA MET A 119 7.84 11.61 -6.58
C MET A 119 8.49 10.47 -7.37
N VAL A 120 9.82 10.43 -7.40
CA VAL A 120 10.56 9.41 -8.15
C VAL A 120 10.85 8.27 -7.22
N LEU A 121 10.16 7.14 -7.46
CA LEU A 121 10.23 5.95 -6.65
C LEU A 121 11.06 4.82 -7.26
N GLU A 122 11.52 3.93 -6.41
CA GLU A 122 12.15 2.68 -6.77
C GLU A 122 11.17 1.95 -7.73
N TYR A 123 11.66 1.45 -8.87
CA TYR A 123 10.83 0.71 -9.83
C TYR A 123 10.93 -0.79 -9.55
N LEU A 124 9.77 -1.47 -9.50
CA LEU A 124 9.72 -2.92 -9.30
C LEU A 124 9.11 -3.52 -10.56
N PRO A 125 9.96 -4.03 -11.49
CA PRO A 125 9.41 -4.60 -12.73
C PRO A 125 8.55 -5.84 -12.52
N GLY A 126 8.63 -6.44 -11.34
CA GLY A 126 7.81 -7.59 -10.95
C GLY A 126 6.31 -7.28 -10.94
N GLY A 127 5.97 -5.99 -10.85
CA GLY A 127 4.58 -5.53 -10.88
C GLY A 127 3.85 -5.70 -9.58
N GLU A 128 2.53 -5.42 -9.61
CA GLU A 128 1.70 -5.45 -8.41
C GLU A 128 1.31 -6.88 -8.02
N MET A 129 1.19 -7.16 -6.70
CA MET A 129 0.72 -8.48 -6.29
C MET A 129 -0.64 -8.73 -6.95
N PHE A 130 -1.46 -7.68 -7.07
CA PHE A 130 -2.78 -7.76 -7.68
C PHE A 130 -2.81 -8.58 -9.00
N SER A 131 -1.89 -8.27 -9.93
N SER A 131 -1.92 -8.27 -9.94
CA SER A 131 -1.89 -8.93 -11.24
CA SER A 131 -1.98 -8.97 -11.24
C SER A 131 -1.64 -10.42 -11.12
C SER A 131 -1.69 -10.46 -11.10
N HIS A 132 -0.68 -10.80 -10.28
CA HIS A 132 -0.28 -12.19 -10.06
C HIS A 132 -1.39 -12.96 -9.33
N LEU A 133 -2.00 -12.32 -8.31
CA LEU A 133 -3.08 -12.95 -7.54
C LEU A 133 -4.30 -13.22 -8.43
N ARG A 134 -4.70 -12.24 -9.27
CA ARG A 134 -5.85 -12.44 -10.16
C ARG A 134 -5.60 -13.54 -11.19
N ARG A 135 -4.40 -13.53 -11.78
N ARG A 135 -4.41 -13.53 -11.80
CA ARG A 135 -4.04 -14.51 -12.81
CA ARG A 135 -4.06 -14.51 -12.83
C ARG A 135 -3.94 -15.91 -12.26
C ARG A 135 -3.95 -15.93 -12.26
N ILE A 136 -3.14 -16.09 -11.19
CA ILE A 136 -2.93 -17.41 -10.57
C ILE A 136 -4.26 -17.88 -9.95
N GLY A 137 -5.01 -16.93 -9.39
CA GLY A 137 -6.33 -17.18 -8.81
C GLY A 137 -6.32 -17.00 -7.31
N ARG A 138 -5.40 -17.72 -6.64
CA ARG A 138 -5.23 -17.64 -5.19
C ARG A 138 -3.85 -18.11 -4.81
N PHE A 139 -3.44 -17.78 -3.58
CA PHE A 139 -2.17 -18.24 -3.07
C PHE A 139 -2.41 -19.28 -1.98
N SEP A 140 -1.57 -20.32 -1.92
CA SEP A 140 -1.70 -21.29 -0.85
CB SEP A 140 -0.74 -22.43 -1.15
OG SEP A 140 0.59 -21.90 -0.95
C SEP A 140 -1.39 -20.61 0.50
O SEP A 140 -0.80 -19.52 0.51
P SEP A 140 1.72 -22.86 -1.48
O1P SEP A 140 2.96 -22.35 -0.77
O2P SEP A 140 1.49 -24.34 -1.03
O3P SEP A 140 1.87 -22.71 -3.02
N GLU A 141 -1.80 -21.22 1.62
CA GLU A 141 -1.57 -20.59 2.93
C GLU A 141 -0.11 -20.28 3.20
N PRO A 142 0.89 -21.16 2.92
CA PRO A 142 2.29 -20.75 3.19
C PRO A 142 2.71 -19.54 2.35
N HIS A 143 2.23 -19.48 1.10
CA HIS A 143 2.52 -18.35 0.17
C HIS A 143 1.88 -17.07 0.73
N ALA A 144 0.57 -17.12 1.09
CA ALA A 144 -0.11 -15.95 1.66
C ALA A 144 0.52 -15.53 3.00
N ARG A 145 0.99 -16.50 3.80
CA ARG A 145 1.62 -16.21 5.09
C ARG A 145 2.92 -15.45 4.93
N PHE A 146 3.71 -15.83 3.89
CA PHE A 146 4.98 -15.20 3.60
C PHE A 146 4.75 -13.70 3.38
N TYR A 147 3.74 -13.37 2.55
CA TYR A 147 3.41 -11.96 2.30
C TYR A 147 2.82 -11.29 3.54
N ALA A 148 1.88 -11.98 4.23
CA ALA A 148 1.24 -11.44 5.44
C ALA A 148 2.29 -11.05 6.51
N ALA A 149 3.32 -11.89 6.70
CA ALA A 149 4.38 -11.61 7.68
C ALA A 149 5.09 -10.29 7.38
N GLN A 150 5.33 -10.02 6.07
CA GLN A 150 5.98 -8.75 5.71
C GLN A 150 5.09 -7.57 6.02
N ILE A 151 3.75 -7.70 5.80
CA ILE A 151 2.85 -6.58 6.12
C ILE A 151 2.77 -6.38 7.65
N VAL A 152 2.72 -7.48 8.43
CA VAL A 152 2.69 -7.36 9.90
C VAL A 152 3.91 -6.55 10.37
N LEU A 153 5.11 -6.89 9.85
CA LEU A 153 6.32 -6.16 10.27
C LEU A 153 6.30 -4.71 9.82
N THR A 154 5.77 -4.48 8.60
CA THR A 154 5.71 -3.13 8.05
C THR A 154 4.75 -2.27 8.88
N PHE A 155 3.59 -2.83 9.27
CA PHE A 155 2.68 -2.05 10.10
C PHE A 155 3.26 -1.87 11.50
N GLU A 156 3.98 -2.89 12.05
CA GLU A 156 4.61 -2.69 13.36
C GLU A 156 5.56 -1.46 13.27
N TYR A 157 6.35 -1.36 12.17
CA TYR A 157 7.26 -0.24 11.93
C TYR A 157 6.48 1.09 11.78
N LEU A 158 5.54 1.11 10.83
CA LEU A 158 4.81 2.36 10.58
C LEU A 158 4.05 2.85 11.82
N HIS A 159 3.30 1.95 12.48
CA HIS A 159 2.50 2.34 13.64
C HIS A 159 3.35 2.86 14.76
N SER A 160 4.61 2.35 14.90
CA SER A 160 5.54 2.79 15.98
C SER A 160 5.93 4.27 15.76
N LEU A 161 5.81 4.75 14.48
CA LEU A 161 6.13 6.14 14.10
C LEU A 161 4.85 7.00 14.10
N ASP A 162 3.75 6.47 14.67
CA ASP A 162 2.44 7.14 14.72
C ASP A 162 1.84 7.31 13.31
N LEU A 163 2.22 6.45 12.36
CA LEU A 163 1.72 6.53 11.01
C LEU A 163 0.65 5.52 10.79
N ILE A 164 -0.42 5.94 10.14
N ILE A 164 -0.49 5.95 10.19
CA ILE A 164 -1.51 5.03 9.76
CA ILE A 164 -1.59 5.05 9.81
C ILE A 164 -1.44 4.97 8.23
C ILE A 164 -1.49 4.98 8.27
N TYR A 165 -1.55 3.76 7.68
CA TYR A 165 -1.36 3.60 6.22
C TYR A 165 -2.61 3.85 5.40
N ARG A 166 -3.72 3.20 5.74
CA ARG A 166 -5.04 3.47 5.18
C ARG A 166 -5.36 3.09 3.75
N ASP A 167 -4.48 2.32 3.08
CA ASP A 167 -4.90 1.85 1.74
C ASP A 167 -4.30 0.50 1.37
N LEU A 168 -4.27 -0.39 2.35
CA LEU A 168 -3.72 -1.71 2.08
C LEU A 168 -4.63 -2.44 1.09
N LYS A 169 -4.01 -3.02 0.05
CA LYS A 169 -4.70 -3.85 -0.96
C LYS A 169 -3.62 -4.42 -1.89
N PRO A 170 -3.91 -5.54 -2.59
CA PRO A 170 -2.90 -6.12 -3.49
C PRO A 170 -2.41 -5.18 -4.57
N GLU A 171 -3.25 -4.18 -4.98
CA GLU A 171 -2.84 -3.22 -6.01
C GLU A 171 -1.62 -2.40 -5.55
N ASN A 172 -1.45 -2.23 -4.22
CA ASN A 172 -0.38 -1.39 -3.64
C ASN A 172 0.82 -2.16 -3.10
N LEU A 173 0.92 -3.44 -3.44
CA LEU A 173 2.02 -4.28 -2.96
C LEU A 173 2.81 -4.73 -4.15
N MET A 174 4.00 -4.16 -4.32
CA MET A 174 4.86 -4.47 -5.47
C MET A 174 5.67 -5.72 -5.13
N ILE A 175 6.00 -6.55 -6.13
CA ILE A 175 6.82 -7.74 -5.89
C ILE A 175 8.21 -7.47 -6.44
N ASP A 176 9.22 -7.53 -5.57
CA ASP A 176 10.58 -7.23 -5.97
C ASP A 176 11.28 -8.41 -6.67
N GLN A 177 12.56 -8.22 -7.09
CA GLN A 177 13.31 -9.28 -7.81
C GLN A 177 13.65 -10.50 -6.96
N GLN A 178 13.43 -10.42 -5.66
CA GLN A 178 13.68 -11.52 -4.74
C GLN A 178 12.37 -12.14 -4.29
N GLY A 179 11.25 -11.64 -4.80
CA GLY A 179 9.93 -12.17 -4.45
C GLY A 179 9.35 -11.62 -3.18
N TYR A 180 10.03 -10.61 -2.58
CA TYR A 180 9.54 -9.94 -1.38
C TYR A 180 8.64 -8.78 -1.80
N ILE A 181 7.89 -8.23 -0.83
N ILE A 181 7.80 -8.30 -0.90
CA ILE A 181 6.93 -7.14 -1.01
CA ILE A 181 6.90 -7.21 -1.27
C ILE A 181 7.56 -5.79 -0.79
C ILE A 181 7.39 -5.86 -0.77
N LYS A 182 7.01 -4.79 -1.50
CA LYS A 182 7.32 -3.40 -1.22
C LYS A 182 6.00 -2.65 -1.27
N VAL A 183 5.58 -2.07 -0.15
CA VAL A 183 4.38 -1.28 -0.08
C VAL A 183 4.62 0.05 -0.79
N THR A 184 3.70 0.40 -1.71
N THR A 184 3.71 0.40 -1.72
CA THR A 184 3.73 1.65 -2.43
CA THR A 184 3.73 1.66 -2.45
C THR A 184 2.37 2.37 -2.27
C THR A 184 2.46 2.40 -2.10
N ASP A 185 2.35 3.63 -2.63
CA ASP A 185 1.18 4.48 -2.50
C ASP A 185 0.93 4.88 -1.07
N PHE A 186 1.48 6.06 -0.72
CA PHE A 186 1.27 6.59 0.62
C PHE A 186 0.28 7.78 0.54
N GLY A 187 -0.59 7.77 -0.49
CA GLY A 187 -1.55 8.85 -0.73
C GLY A 187 -2.54 9.14 0.38
N PHE A 188 -2.76 8.15 1.28
CA PHE A 188 -3.67 8.36 2.44
C PHE A 188 -2.94 8.13 3.76
N ALA A 189 -1.60 8.00 3.72
CA ALA A 189 -0.87 7.79 5.00
C ALA A 189 -0.84 9.09 5.78
N LYS A 190 -0.90 8.97 7.10
CA LYS A 190 -0.98 10.18 7.92
C LYS A 190 -0.28 9.93 9.25
N ARG A 191 0.42 10.97 9.76
CA ARG A 191 1.06 10.83 11.07
C ARG A 191 0.07 11.42 12.08
N VAL A 192 -0.49 10.56 12.93
CA VAL A 192 -1.52 11.01 13.87
C VAL A 192 -1.41 10.25 15.16
N LYS A 193 -1.33 11.00 16.27
CA LYS A 193 -1.27 10.35 17.57
C LYS A 193 -2.64 10.01 18.11
N GLY A 194 -3.61 10.87 17.89
CA GLY A 194 -4.95 10.59 18.36
C GLY A 194 -5.80 9.84 17.35
N ARG A 195 -7.08 10.07 17.43
CA ARG A 195 -8.01 9.48 16.48
C ARG A 195 -8.06 10.40 15.24
N THR A 196 -8.59 9.87 14.14
CA THR A 196 -8.78 10.63 12.92
C THR A 196 -10.12 10.29 12.32
N TRP A 197 -10.59 11.13 11.35
CA TRP A 197 -11.96 10.95 10.86
C TRP A 197 -12.16 10.89 9.36
N TPO A 198 -11.11 11.06 8.56
CA TPO A 198 -11.31 11.14 7.10
CB TPO A 198 -10.00 11.46 6.36
CG2 TPO A 198 -10.35 11.73 4.88
OG1 TPO A 198 -9.53 12.70 6.92
P TPO A 198 -8.09 12.63 7.59
O1P TPO A 198 -8.08 11.49 8.62
O2P TPO A 198 -7.02 12.34 6.52
O3P TPO A 198 -7.89 14.00 8.30
C TPO A 198 -11.88 9.87 6.52
O TPO A 198 -11.40 8.78 6.82
N LEU A 199 -12.93 10.01 5.69
CA LEU A 199 -13.46 8.84 4.99
C LEU A 199 -12.52 8.61 3.79
N CYS A 200 -11.65 7.60 3.88
CA CYS A 200 -10.72 7.29 2.78
C CYS A 200 -10.36 5.83 2.83
N GLY A 201 -9.84 5.32 1.71
CA GLY A 201 -9.49 3.92 1.56
C GLY A 201 -10.14 3.33 0.33
N THR A 202 -10.24 2.00 0.28
CA THR A 202 -10.82 1.24 -0.85
C THR A 202 -12.00 0.44 -0.30
N PRO A 203 -13.18 0.48 -0.98
CA PRO A 203 -14.40 -0.10 -0.36
C PRO A 203 -14.26 -1.45 0.33
N GLU A 204 -13.66 -2.43 -0.38
CA GLU A 204 -13.51 -3.81 0.12
C GLU A 204 -12.69 -3.91 1.42
N TYR A 205 -11.82 -2.89 1.66
CA TYR A 205 -10.88 -2.92 2.77
C TYR A 205 -11.27 -1.99 3.92
N LEU A 206 -12.40 -1.28 3.79
CA LEU A 206 -12.76 -0.36 4.87
C LEU A 206 -13.23 -1.07 6.13
N ALA A 207 -12.67 -0.65 7.28
CA ALA A 207 -13.12 -1.17 8.56
C ALA A 207 -14.54 -0.59 8.87
N PRO A 208 -15.38 -1.31 9.65
CA PRO A 208 -16.73 -0.80 9.95
C PRO A 208 -16.72 0.61 10.55
N GLU A 209 -15.76 0.93 11.43
CA GLU A 209 -15.69 2.28 12.06
C GLU A 209 -15.46 3.41 11.06
N ILE A 210 -14.85 3.11 9.91
CA ILE A 210 -14.72 4.14 8.88
C ILE A 210 -16.09 4.35 8.20
N ILE A 211 -16.73 3.25 7.79
CA ILE A 211 -18.03 3.32 7.12
C ILE A 211 -19.05 4.04 7.97
N LEU A 212 -18.99 3.80 9.29
CA LEU A 212 -19.93 4.36 10.28
C LEU A 212 -19.58 5.78 10.76
N SER A 213 -18.60 6.43 10.11
N SER A 213 -18.58 6.41 10.11
CA SER A 213 -18.21 7.81 10.40
CA SER A 213 -18.15 7.78 10.36
C SER A 213 -17.79 8.04 11.87
C SER A 213 -17.72 8.05 11.81
N LYS A 214 -17.02 7.09 12.41
CA LYS A 214 -16.51 7.22 13.77
C LYS A 214 -15.06 7.72 13.72
N GLY A 215 -14.57 8.20 14.85
CA GLY A 215 -13.16 8.53 14.98
C GLY A 215 -12.44 7.20 15.00
N TYR A 216 -11.36 7.07 14.25
CA TYR A 216 -10.71 5.76 14.21
C TYR A 216 -9.21 5.89 14.39
N ASN A 217 -8.52 4.75 14.59
CA ASN A 217 -7.07 4.77 14.79
C ASN A 217 -6.42 3.66 13.93
N LYS A 218 -5.16 3.32 14.27
CA LYS A 218 -4.37 2.33 13.53
C LYS A 218 -5.03 0.97 13.41
N ALA A 219 -6.06 0.67 14.24
CA ALA A 219 -6.79 -0.61 14.16
C ALA A 219 -7.40 -0.83 12.77
N VAL A 220 -7.65 0.26 12.00
CA VAL A 220 -8.20 0.07 10.64
C VAL A 220 -7.21 -0.67 9.74
N ASP A 221 -5.88 -0.48 9.97
CA ASP A 221 -4.85 -1.16 9.15
C ASP A 221 -4.88 -2.66 9.47
N TRP A 222 -5.10 -3.02 10.77
CA TRP A 222 -5.19 -4.44 11.15
C TRP A 222 -6.44 -5.08 10.58
N TRP A 223 -7.58 -4.35 10.53
CA TRP A 223 -8.78 -4.89 9.87
C TRP A 223 -8.38 -5.14 8.38
N ALA A 224 -7.76 -4.15 7.72
CA ALA A 224 -7.37 -4.27 6.31
C ALA A 224 -6.43 -5.46 6.09
N LEU A 225 -5.54 -5.76 7.07
CA LEU A 225 -4.71 -6.95 6.96
C LEU A 225 -5.58 -8.21 6.92
N GLY A 226 -6.63 -8.27 7.74
CA GLY A 226 -7.55 -9.42 7.67
C GLY A 226 -8.15 -9.57 6.28
N VAL A 227 -8.61 -8.45 5.69
CA VAL A 227 -9.18 -8.47 4.32
C VAL A 227 -8.13 -8.99 3.33
N LEU A 228 -6.87 -8.49 3.43
CA LEU A 228 -5.81 -8.91 2.52
C LEU A 228 -5.49 -10.39 2.65
N ILE A 229 -5.32 -10.88 3.91
CA ILE A 229 -4.99 -12.33 4.05
C ILE A 229 -6.11 -13.17 3.46
N TYR A 230 -7.37 -12.79 3.75
CA TYR A 230 -8.51 -13.53 3.20
C TYR A 230 -8.44 -13.54 1.66
N GLU A 231 -8.31 -12.34 1.05
CA GLU A 231 -8.28 -12.26 -0.40
C GLU A 231 -7.12 -13.07 -1.00
N MET A 232 -5.92 -13.00 -0.38
CA MET A 232 -4.79 -13.78 -0.89
C MET A 232 -5.07 -15.28 -0.85
N ALA A 233 -5.65 -15.77 0.26
CA ALA A 233 -5.88 -17.22 0.43
C ALA A 233 -7.13 -17.73 -0.26
N ALA A 234 -8.15 -16.86 -0.45
CA ALA A 234 -9.39 -17.28 -1.11
C ALA A 234 -9.39 -17.01 -2.60
N GLY A 235 -8.74 -15.91 -3.01
CA GLY A 235 -8.73 -15.46 -4.40
C GLY A 235 -9.79 -14.40 -4.65
N TYR A 236 -10.63 -14.15 -3.64
CA TYR A 236 -11.66 -13.10 -3.69
C TYR A 236 -11.79 -12.49 -2.29
N PRO A 237 -12.27 -11.24 -2.16
CA PRO A 237 -12.33 -10.62 -0.82
C PRO A 237 -13.50 -11.17 0.01
N PRO A 238 -13.43 -10.96 1.35
CA PRO A 238 -14.51 -11.44 2.23
C PRO A 238 -15.83 -10.71 2.04
N PHE A 239 -15.76 -9.46 1.51
CA PHE A 239 -16.95 -8.64 1.28
C PHE A 239 -16.88 -8.05 -0.12
N PHE A 240 -17.68 -8.60 -1.04
CA PHE A 240 -17.68 -8.06 -2.40
C PHE A 240 -19.10 -7.98 -2.92
N ALA A 241 -19.33 -7.10 -3.89
CA ALA A 241 -20.63 -6.89 -4.53
C ALA A 241 -20.37 -6.02 -5.74
N ASP A 242 -21.40 -5.67 -6.52
CA ASP A 242 -21.17 -4.85 -7.70
C ASP A 242 -20.97 -3.39 -7.40
N GLN A 243 -21.55 -2.90 -6.29
CA GLN A 243 -21.46 -1.50 -5.89
C GLN A 243 -20.90 -1.30 -4.49
N PRO A 244 -20.17 -0.21 -4.23
CA PRO A 244 -19.65 0.02 -2.88
C PRO A 244 -20.71 -0.03 -1.75
N ILE A 245 -21.91 0.57 -1.97
CA ILE A 245 -22.94 0.55 -0.92
C ILE A 245 -23.25 -0.88 -0.43
N GLN A 246 -23.35 -1.83 -1.37
CA GLN A 246 -23.65 -3.23 -1.06
C GLN A 246 -22.48 -3.87 -0.28
N ILE A 247 -21.24 -3.45 -0.59
CA ILE A 247 -20.04 -3.90 0.10
C ILE A 247 -20.13 -3.41 1.56
N TYR A 248 -20.45 -2.13 1.75
CA TYR A 248 -20.56 -1.54 3.09
C TYR A 248 -21.59 -2.26 3.93
N GLU A 249 -22.74 -2.63 3.33
CA GLU A 249 -23.79 -3.36 4.08
C GLU A 249 -23.22 -4.70 4.60
N LYS A 250 -22.41 -5.39 3.77
CA LYS A 250 -21.80 -6.66 4.16
C LYS A 250 -20.79 -6.48 5.29
N ILE A 251 -19.92 -5.47 5.17
CA ILE A 251 -18.92 -5.19 6.20
C ILE A 251 -19.55 -4.95 7.56
N VAL A 252 -20.57 -4.07 7.62
CA VAL A 252 -21.20 -3.69 8.89
C VAL A 252 -22.17 -4.77 9.44
N SER A 253 -22.54 -5.78 8.63
CA SER A 253 -23.49 -6.82 9.07
C SER A 253 -23.01 -7.65 10.26
N GLY A 254 -21.69 -7.75 10.41
CA GLY A 254 -21.05 -8.53 11.46
C GLY A 254 -20.89 -9.99 11.05
N LYS A 255 -21.16 -10.31 9.77
CA LYS A 255 -21.07 -11.67 9.22
C LYS A 255 -19.94 -11.80 8.22
N VAL A 256 -19.29 -12.98 8.16
CA VAL A 256 -18.19 -13.38 7.26
C VAL A 256 -18.23 -14.91 7.02
N ARG A 257 -18.04 -15.34 5.76
CA ARG A 257 -18.02 -16.76 5.42
C ARG A 257 -16.65 -17.11 4.90
N PHE A 258 -16.10 -18.26 5.32
CA PHE A 258 -14.77 -18.71 4.89
C PHE A 258 -14.85 -19.87 3.89
N PRO A 259 -13.95 -19.92 2.88
CA PRO A 259 -13.91 -21.11 2.00
C PRO A 259 -13.62 -22.37 2.82
N SER A 260 -14.17 -23.51 2.40
CA SER A 260 -13.96 -24.76 3.13
C SER A 260 -12.49 -25.20 3.21
N HIS A 261 -11.66 -24.78 2.23
CA HIS A 261 -10.23 -25.11 2.23
C HIS A 261 -9.39 -24.30 3.26
N PHE A 262 -9.97 -23.25 3.89
CA PHE A 262 -9.24 -22.46 4.92
C PHE A 262 -9.00 -23.34 6.15
N SER A 263 -7.75 -23.34 6.65
CA SER A 263 -7.33 -24.08 7.84
C SER A 263 -8.02 -23.50 9.07
N SER A 264 -8.17 -24.28 10.15
N SER A 264 -8.16 -24.29 10.15
CA SER A 264 -8.78 -23.79 11.40
CA SER A 264 -8.76 -23.83 11.41
C SER A 264 -7.99 -22.59 11.94
C SER A 264 -7.99 -22.61 11.98
N ASP A 265 -6.64 -22.66 11.92
CA ASP A 265 -5.77 -21.57 12.39
C ASP A 265 -5.98 -20.30 11.59
N LEU A 266 -6.12 -20.41 10.24
CA LEU A 266 -6.35 -19.24 9.39
C LEU A 266 -7.71 -18.61 9.73
N LYS A 267 -8.79 -19.41 9.82
CA LYS A 267 -10.11 -18.89 10.18
C LYS A 267 -10.10 -18.20 11.57
N ASP A 268 -9.38 -18.77 12.54
CA ASP A 268 -9.29 -18.16 13.88
C ASP A 268 -8.59 -16.80 13.81
N LEU A 269 -7.45 -16.72 13.09
CA LEU A 269 -6.74 -15.45 12.94
C LEU A 269 -7.67 -14.39 12.27
N LEU A 270 -8.39 -14.80 11.19
CA LEU A 270 -9.28 -13.88 10.46
C LEU A 270 -10.48 -13.41 11.27
N ARG A 271 -11.06 -14.27 12.14
CA ARG A 271 -12.14 -13.83 13.02
C ARG A 271 -11.64 -12.74 13.98
N ASN A 272 -10.36 -12.81 14.39
CA ASN A 272 -9.75 -11.84 15.30
C ASN A 272 -9.31 -10.54 14.61
N LEU A 273 -9.00 -10.57 13.30
CA LEU A 273 -8.62 -9.37 12.56
C LEU A 273 -9.88 -8.69 12.01
N LEU A 274 -10.82 -9.48 11.46
CA LEU A 274 -12.09 -9.00 10.92
C LEU A 274 -13.12 -8.91 12.04
N GLN A 275 -12.69 -8.29 13.14
CA GLN A 275 -13.46 -8.16 14.35
C GLN A 275 -14.04 -6.75 14.44
N VAL A 276 -15.36 -6.65 14.38
CA VAL A 276 -16.06 -5.35 14.51
C VAL A 276 -15.78 -4.69 15.88
N ASP A 277 -15.67 -5.52 16.95
CA ASP A 277 -15.46 -5.05 18.31
C ASP A 277 -13.98 -4.64 18.52
N LEU A 278 -13.74 -3.34 18.63
CA LEU A 278 -12.40 -2.77 18.82
C LEU A 278 -11.67 -3.21 20.10
N THR A 279 -12.43 -3.64 21.13
CA THR A 279 -11.82 -4.13 22.36
C THR A 279 -11.41 -5.60 22.15
N LYS A 280 -11.73 -6.17 20.98
CA LYS A 280 -11.43 -7.56 20.71
C LYS A 280 -10.56 -7.74 19.46
N ARG A 281 -10.40 -6.68 18.64
CA ARG A 281 -9.62 -6.79 17.40
C ARG A 281 -8.12 -6.94 17.64
N PHE A 282 -7.51 -8.01 17.08
CA PHE A 282 -6.07 -8.23 17.14
C PHE A 282 -5.33 -7.05 16.51
N GLY A 283 -4.25 -6.67 17.15
CA GLY A 283 -3.42 -5.52 16.79
C GLY A 283 -3.81 -4.32 17.63
N ASN A 284 -5.03 -4.35 18.25
CA ASN A 284 -5.61 -3.27 19.04
C ASN A 284 -5.74 -3.58 20.53
N LEU A 285 -5.15 -4.67 20.98
CA LEU A 285 -5.25 -5.03 22.40
C LEU A 285 -3.99 -4.64 23.17
N LYS A 286 -3.96 -4.95 24.50
CA LYS A 286 -2.82 -4.65 25.36
C LYS A 286 -1.49 -5.21 24.80
N ASN A 287 -1.52 -6.45 24.25
CA ASN A 287 -0.34 -7.11 23.69
C ASN A 287 0.02 -6.62 22.27
N GLY A 288 -0.77 -5.69 21.74
CA GLY A 288 -0.55 -5.10 20.42
C GLY A 288 -0.31 -6.11 19.32
N VAL A 289 0.78 -5.90 18.54
CA VAL A 289 1.13 -6.75 17.39
C VAL A 289 1.54 -8.19 17.78
N ASN A 290 1.96 -8.40 19.04
CA ASN A 290 2.35 -9.73 19.48
C ASN A 290 1.20 -10.73 19.47
N ASP A 291 -0.06 -10.25 19.59
CA ASP A 291 -1.23 -11.14 19.48
C ASP A 291 -1.27 -11.77 18.08
N ILE A 292 -0.80 -11.03 17.08
CA ILE A 292 -0.76 -11.50 15.70
C ILE A 292 0.49 -12.36 15.49
N LYS A 293 1.67 -11.83 15.84
CA LYS A 293 2.96 -12.53 15.66
C LYS A 293 2.98 -13.88 16.35
N ASN A 294 2.33 -13.99 17.52
CA ASN A 294 2.29 -15.21 18.34
C ASN A 294 1.11 -16.15 18.03
N HIS A 295 0.28 -15.80 17.03
CA HIS A 295 -0.86 -16.64 16.66
C HIS A 295 -0.37 -17.95 16.03
N LYS A 296 -1.14 -19.02 16.24
CA LYS A 296 -0.84 -20.36 15.73
C LYS A 296 -0.59 -20.37 14.21
N TRP A 297 -1.36 -19.59 13.44
CA TRP A 297 -1.15 -19.52 11.98
C TRP A 297 0.28 -19.10 11.61
N PHE A 298 0.93 -18.32 12.49
CA PHE A 298 2.29 -17.83 12.22
C PHE A 298 3.38 -18.64 12.99
N ALA A 299 3.05 -19.83 13.52
CA ALA A 299 4.02 -20.62 14.31
C ALA A 299 5.33 -20.95 13.58
N THR A 300 5.26 -21.16 12.25
CA THR A 300 6.44 -21.51 11.45
C THR A 300 7.18 -20.25 10.96
N THR A 301 6.61 -19.04 11.18
CA THR A 301 7.23 -17.81 10.73
C THR A 301 8.38 -17.41 11.62
N ASP A 302 9.55 -17.27 10.99
CA ASP A 302 10.74 -16.79 11.65
C ASP A 302 10.79 -15.31 11.33
N TRP A 303 10.25 -14.50 12.24
CA TRP A 303 10.12 -13.05 12.04
C TRP A 303 11.42 -12.34 11.66
N ILE A 304 12.53 -12.72 12.32
CA ILE A 304 13.83 -12.13 12.03
C ILE A 304 14.32 -12.54 10.64
N ALA A 305 14.16 -13.82 10.25
CA ALA A 305 14.58 -14.29 8.92
C ALA A 305 13.77 -13.60 7.81
N ILE A 306 12.49 -13.28 8.07
CA ILE A 306 11.65 -12.55 7.09
C ILE A 306 12.24 -11.14 6.97
N TYR A 307 12.45 -10.44 8.12
CA TYR A 307 13.02 -9.08 8.11
C TYR A 307 14.37 -9.03 7.37
N GLN A 308 15.25 -10.02 7.63
CA GLN A 308 16.58 -10.12 7.02
C GLN A 308 16.54 -10.64 5.58
N ARG A 309 15.33 -10.99 5.09
CA ARG A 309 15.09 -11.52 3.74
C ARG A 309 15.88 -12.82 3.46
N LYS A 310 15.99 -13.68 4.50
CA LYS A 310 16.72 -14.94 4.41
C LYS A 310 15.80 -16.10 4.01
N VAL A 311 14.48 -15.87 4.04
CA VAL A 311 13.49 -16.90 3.69
C VAL A 311 13.37 -17.00 2.17
N GLU A 312 13.37 -18.22 1.63
CA GLU A 312 13.21 -18.43 0.19
C GLU A 312 11.78 -18.00 -0.20
N ALA A 313 11.65 -17.09 -1.17
CA ALA A 313 10.34 -16.62 -1.60
C ALA A 313 9.56 -17.72 -2.36
N PRO A 314 8.22 -17.82 -2.19
CA PRO A 314 7.47 -18.86 -2.91
C PRO A 314 7.32 -18.60 -4.40
N PHE A 315 7.52 -17.33 -4.80
CA PHE A 315 7.36 -16.94 -6.19
C PHE A 315 8.32 -15.81 -6.54
N ILE A 316 9.06 -15.96 -7.66
CA ILE A 316 9.98 -14.94 -8.16
C ILE A 316 9.41 -14.51 -9.52
N PRO A 317 8.99 -13.23 -9.72
CA PRO A 317 8.46 -12.83 -11.03
C PRO A 317 9.51 -13.02 -12.12
N LYS A 318 9.07 -13.34 -13.33
CA LYS A 318 9.98 -13.52 -14.46
C LYS A 318 10.76 -12.21 -14.67
N PHE A 319 12.12 -12.30 -14.66
CA PHE A 319 12.97 -11.12 -14.87
C PHE A 319 13.33 -11.02 -16.35
N LYS A 320 12.93 -9.92 -16.98
CA LYS A 320 13.10 -9.66 -18.41
C LYS A 320 13.85 -8.34 -18.65
N GLY A 321 14.53 -7.86 -17.62
CA GLY A 321 15.29 -6.62 -17.69
C GLY A 321 14.80 -5.56 -16.71
N PRO A 322 15.70 -4.60 -16.38
CA PRO A 322 15.36 -3.54 -15.41
C PRO A 322 14.28 -2.56 -15.87
N GLY A 323 14.08 -2.46 -17.18
CA GLY A 323 13.09 -1.55 -17.77
C GLY A 323 11.94 -2.24 -18.45
N ASP A 324 11.83 -3.57 -18.31
CA ASP A 324 10.74 -4.30 -18.92
C ASP A 324 9.43 -4.03 -18.20
N THR A 325 8.32 -3.88 -18.96
CA THR A 325 7.02 -3.57 -18.38
C THR A 325 5.95 -4.66 -18.59
N SER A 326 6.36 -5.90 -18.96
N SER A 326 6.36 -5.90 -18.95
CA SER A 326 5.44 -7.02 -19.24
CA SER A 326 5.44 -7.02 -19.23
C SER A 326 4.47 -7.34 -18.11
C SER A 326 4.46 -7.32 -18.11
N ASN A 327 4.83 -6.96 -16.86
CA ASN A 327 3.99 -7.19 -15.67
C ASN A 327 2.98 -6.12 -15.40
N PHE A 328 2.94 -5.11 -16.28
CA PHE A 328 1.99 -4.02 -16.16
C PHE A 328 1.08 -3.98 -17.36
N ASP A 329 -0.16 -3.55 -17.13
CA ASP A 329 -1.13 -3.30 -18.19
C ASP A 329 -0.65 -2.10 -18.99
N ASP A 330 -1.22 -1.91 -20.18
CA ASP A 330 -0.90 -0.76 -21.01
C ASP A 330 -1.92 0.33 -20.77
N TYR A 331 -1.48 1.59 -20.82
CA TYR A 331 -2.35 2.73 -20.62
C TYR A 331 -2.15 3.72 -21.75
N GLU A 332 -3.17 4.54 -22.04
CA GLU A 332 -3.08 5.55 -23.08
C GLU A 332 -1.98 6.55 -22.64
N GLU A 333 -1.01 6.83 -23.52
CA GLU A 333 0.06 7.78 -23.24
C GLU A 333 -0.39 9.21 -23.44
N GLU A 334 -0.23 10.03 -22.40
CA GLU A 334 -0.61 11.42 -22.43
C GLU A 334 0.63 12.30 -22.27
N GLU A 335 0.57 13.53 -22.78
CA GLU A 335 1.69 14.46 -22.63
C GLU A 335 1.87 14.88 -21.15
N ILE A 336 3.08 15.31 -20.79
CA ILE A 336 3.38 15.88 -19.48
C ILE A 336 3.53 17.34 -19.78
N ARG A 337 2.46 18.07 -19.54
CA ARG A 337 2.41 19.49 -19.83
C ARG A 337 2.87 20.32 -18.64
N VAL A 338 3.71 21.32 -18.93
CA VAL A 338 4.24 22.23 -17.92
C VAL A 338 3.85 23.64 -18.35
N SEP A 339 2.93 24.27 -17.63
CA SEP A 339 2.48 25.61 -17.95
CB SEP A 339 1.31 25.93 -16.99
OG SEP A 339 0.91 27.32 -17.11
C SEP A 339 3.62 26.60 -17.77
O SEP A 339 4.57 26.35 -17.03
P SEP A 339 -0.13 27.61 -18.26
O1P SEP A 339 0.64 27.70 -19.57
O2P SEP A 339 -1.20 26.55 -18.32
O3P SEP A 339 -0.79 28.94 -17.88
N ILE A 340 3.50 27.75 -18.44
CA ILE A 340 4.49 28.82 -18.33
C ILE A 340 4.22 29.66 -17.06
N ASN A 341 3.09 29.39 -16.38
CA ASN A 341 2.68 30.08 -15.17
C ASN A 341 2.63 29.11 -14.00
N GLU A 342 3.16 29.52 -12.83
CA GLU A 342 3.12 28.66 -11.64
C GLU A 342 1.69 28.51 -11.12
N LYS A 343 1.27 27.25 -10.90
CA LYS A 343 -0.04 26.93 -10.38
C LYS A 343 0.08 26.52 -8.93
N CYS A 344 -0.86 26.98 -8.08
CA CYS A 344 -1.00 26.53 -6.69
C CYS A 344 0.32 26.63 -5.92
N GLY A 345 1.04 27.73 -6.08
CA GLY A 345 2.33 27.87 -5.41
C GLY A 345 2.25 27.77 -3.90
N LYS A 346 1.32 28.53 -3.30
CA LYS A 346 1.16 28.55 -1.83
C LYS A 346 0.75 27.19 -1.27
N GLU A 347 -0.19 26.53 -1.95
CA GLU A 347 -0.71 25.24 -1.46
C GLU A 347 0.39 24.20 -1.30
N PHE A 348 1.33 24.16 -2.26
CA PHE A 348 2.38 23.15 -2.29
C PHE A 348 3.75 23.70 -1.94
N SER A 349 3.80 24.86 -1.29
CA SER A 349 5.07 25.51 -0.92
C SER A 349 6.07 24.53 -0.26
N GLU A 350 5.58 23.69 0.68
CA GLU A 350 6.50 22.80 1.39
C GLU A 350 6.93 21.55 0.62
N PHE A 351 6.28 21.26 -0.50
CA PHE A 351 6.61 20.04 -1.25
C PHE A 351 8.03 20.16 -1.82
N THR B 1 -20.88 -20.96 -7.27
CA THR B 1 -19.77 -20.92 -6.31
C THR B 1 -19.42 -19.47 -5.97
N THR B 2 -18.76 -19.24 -4.82
CA THR B 2 -18.37 -17.84 -4.51
C THR B 2 -17.40 -17.29 -5.56
N TYR B 3 -16.46 -18.14 -6.03
CA TYR B 3 -15.51 -17.77 -7.08
C TYR B 3 -16.27 -17.34 -8.35
N ALA B 4 -17.26 -18.12 -8.82
CA ALA B 4 -18.00 -17.75 -10.03
C ALA B 4 -18.71 -16.42 -9.82
N ASP B 5 -19.27 -16.21 -8.60
CA ASP B 5 -19.94 -14.93 -8.33
C ASP B 5 -18.95 -13.77 -8.37
N PHE B 6 -17.73 -13.97 -7.85
CA PHE B 6 -16.74 -12.90 -7.86
C PHE B 6 -16.31 -12.59 -9.30
N ILE B 7 -16.07 -13.64 -10.09
CA ILE B 7 -15.56 -13.48 -11.46
C ILE B 7 -16.57 -12.79 -12.37
N ALA B 8 -17.87 -12.99 -12.08
CA ALA B 8 -18.96 -12.37 -12.87
C ALA B 8 -19.23 -10.94 -12.37
N SER B 9 -18.63 -10.54 -11.23
CA SER B 9 -18.87 -9.21 -10.67
C SER B 9 -18.10 -8.12 -11.40
N GLY B 10 -18.53 -6.88 -11.18
CA GLY B 10 -17.87 -5.74 -11.79
C GLY B 10 -16.64 -5.24 -11.06
N ARG B 11 -16.19 -5.97 -10.01
CA ARG B 11 -15.06 -5.50 -9.18
C ARG B 11 -13.89 -6.47 -9.11
N THR B 12 -13.56 -7.08 -10.28
CA THR B 12 -12.42 -7.99 -10.34
C THR B 12 -11.17 -7.27 -10.85
N GLY B 13 -11.33 -6.06 -11.41
CA GLY B 13 -10.20 -5.28 -11.87
C GLY B 13 -9.61 -4.44 -10.76
N ARG B 14 -8.59 -3.61 -11.08
CA ARG B 14 -7.99 -2.78 -10.02
C ARG B 14 -9.04 -1.84 -9.44
N ARG B 15 -9.03 -1.74 -8.12
CA ARG B 15 -10.00 -0.97 -7.37
C ARG B 15 -9.49 0.36 -6.96
N ASN B 16 -10.30 1.38 -7.25
CA ASN B 16 -9.96 2.77 -6.97
C ASN B 16 -10.22 3.14 -5.50
N ALA B 17 -9.43 4.10 -4.97
CA ALA B 17 -9.69 4.63 -3.63
C ALA B 17 -10.97 5.48 -3.72
N ILE B 18 -11.68 5.66 -2.59
CA ILE B 18 -12.92 6.44 -2.60
C ILE B 18 -12.75 7.94 -2.59
N HIS B 19 -13.82 8.68 -3.03
CA HIS B 19 -13.89 10.14 -3.03
C HIS B 19 -15.24 10.64 -2.48
N ASP B 20 -15.43 11.95 -2.35
C VUP C . 0.59 4.59 -6.98
C1 VUP C . 0.88 3.54 -7.85
C2 VUP C . 2.19 3.07 -7.89
N2 VUP C . 2.81 2.07 -8.65
C6 VUP C . 2.10 1.17 -9.57
C7 VUP C . 2.00 1.75 -10.95
C5 VUP C . 4.13 2.08 -8.28
N1 VUP C . 4.41 2.98 -7.35
C3 VUP C . 3.20 3.62 -7.10
C4 VUP C . 2.78 4.66 -6.26
N VUP C . 1.54 5.14 -6.18
C8 VUP C . 5.17 1.28 -8.93
C9 VUP C . 6.53 1.20 -8.47
N5 VUP C . 7.03 1.72 -7.35
N4 VUP C . 7.23 0.48 -9.33
O VUP C . 6.32 0.11 -10.32
C10 VUP C . -0.79 5.16 -6.88
N3 VUP C . 5.04 0.61 -10.05
C MOH D . 16.03 4.87 2.43
O MOH D . 14.91 5.01 3.28
C MOH E . 0.28 1.38 -24.37
O MOH E . -0.70 2.37 -24.46
C MOH F . -24.51 1.75 5.15
O MOH F . -23.90 0.51 5.38
#